data_2R5Z
#
_entry.id   2R5Z
#
_cell.length_a   88.840
_cell.length_b   92.600
_cell.length_c   78.840
_cell.angle_alpha   90.00
_cell.angle_beta   90.00
_cell.angle_gamma   90.00
#
_symmetry.space_group_name_H-M   'C 2 2 21'
#
loop_
_entity.id
_entity.type
_entity.pdbx_description
1 polymer "DNA (5'-D(*DAP*DCP*DTP*DCP*DTP*DAP*DAP*DGP*DAP*DTP*DTP*DAP*DAP*DTP*DCP*DGP*DGP*DCP*DTP*DG)-3')"
2 polymer "DNA (5'-D(*DTP*DCP*DAP*DGP*DCP*DCP*DGP*DAP*DTP*DTP*DAP*DAP*DTP*DCP*DTP*DTP*DAP*DGP*DAP*DG)-3')"
3 polymer 'Homeotic protein Sex combs reduced'
4 polymer 'Homeobox protein extradenticle'
5 water water
#
loop_
_entity_poly.entity_id
_entity_poly.type
_entity_poly.pdbx_seq_one_letter_code
_entity_poly.pdbx_strand_id
1 'polydeoxyribonucleotide' (DA)(DC)(DT)(DC)(DT)(DA)(DA)(DG)(DA)(DT)(DT)(DA)(DA)(DT)(DC)(DG)(DG)(DC)(DT)(DG) C
2 'polydeoxyribonucleotide' (DT)(DC)(DA)(DG)(DC)(DC)(DG)(DA)(DT)(DT)(DA)(DA)(DT)(DC)(DT)(DT)(DA)(DG)(DA)(DG) D
3 'polypeptide(L)'
;GKKNPPQIYPWMKRVHLGTSTVNANGETKRQRTSYTRYQTLELEKEFHFNRYLTRRRRIEIAHALSLTERQIKIWFQNRR
MKWKKEHK
;
A
4 'polypeptide(L)' ARRKRRNFSKQASEILNEYFYSHLSNPYPSEEAKEELARKCGITVSQVSNWFGNKRIRYKKNI B
#
loop_
_chem_comp.id
_chem_comp.type
_chem_comp.name
_chem_comp.formula
DA DNA linking 2'-DEOXYADENOSINE-5'-MONOPHOSPHATE 'C10 H14 N5 O6 P'
DC DNA linking 2'-DEOXYCYTIDINE-5'-MONOPHOSPHATE 'C9 H14 N3 O7 P'
DG DNA linking 2'-DEOXYGUANOSINE-5'-MONOPHOSPHATE 'C10 H14 N5 O7 P'
DT DNA linking THYMIDINE-5'-MONOPHOSPHATE 'C10 H15 N2 O8 P'
#
# COMPACT_ATOMS: atom_id res chain seq x y z
N LYS C 2 -0.02 -20.18 8.64
CA LYS C 2 -1.37 -19.58 8.84
C LYS C 2 -2.47 -20.62 8.63
N LYS C 3 -2.08 -21.89 8.53
CA LYS C 3 -3.01 -22.98 8.32
C LYS C 3 -4.18 -23.00 9.28
N ASN C 4 -3.94 -22.73 10.55
CA ASN C 4 -5.03 -22.79 11.53
C ASN C 4 -5.29 -21.58 12.43
N PRO C 5 -6.24 -20.71 12.03
CA PRO C 5 -6.54 -19.53 12.86
C PRO C 5 -7.61 -19.95 13.86
N PRO C 6 -7.38 -19.71 15.17
CA PRO C 6 -8.32 -20.05 16.23
C PRO C 6 -9.76 -19.68 15.90
N GLN C 7 -9.92 -18.72 14.99
CA GLN C 7 -11.22 -18.27 14.54
C GLN C 7 -11.02 -17.47 13.27
N ILE C 8 -12.12 -17.16 12.58
CA ILE C 8 -12.05 -16.40 11.35
C ILE C 8 -12.61 -15.01 11.60
N TYR C 9 -11.76 -14.12 12.10
CA TYR C 9 -12.17 -12.76 12.39
C TYR C 9 -12.53 -12.02 11.11
N PRO C 10 -13.36 -10.98 11.22
CA PRO C 10 -13.78 -10.17 10.08
C PRO C 10 -12.65 -9.77 9.14
N TRP C 11 -11.56 -9.23 9.67
CA TRP C 11 -10.47 -8.81 8.81
C TRP C 11 -9.92 -9.94 7.95
N MET C 12 -10.06 -11.17 8.44
CA MET C 12 -9.58 -12.32 7.69
C MET C 12 -10.56 -12.64 6.58
N LYS C 13 -11.70 -11.98 6.60
CA LYS C 13 -12.73 -12.19 5.58
C LYS C 13 -12.28 -11.62 4.25
N ARG C 14 -13.11 -11.76 3.22
CA ARG C 14 -12.77 -11.27 1.89
C ARG C 14 -13.45 -9.94 1.61
N VAL C 15 -12.70 -8.84 1.72
CA VAL C 15 -13.26 -7.52 1.43
C VAL C 15 -13.12 -7.29 -0.06
N HIS C 16 -13.69 -6.19 -0.55
CA HIS C 16 -13.65 -5.85 -1.97
C HIS C 16 -14.66 -6.66 -2.77
N LEU C 17 -15.82 -6.06 -3.03
CA LEU C 17 -16.87 -6.71 -3.79
C LEU C 17 -16.47 -6.86 -5.25
N ARG C 30 -8.39 -11.56 -9.51
CA ARG C 30 -8.53 -10.13 -9.75
C ARG C 30 -7.49 -9.63 -10.75
N GLN C 31 -7.62 -8.36 -11.16
CA GLN C 31 -6.72 -7.79 -12.15
C GLN C 31 -6.00 -6.49 -11.78
N ARG C 32 -4.72 -6.42 -12.16
CA ARG C 32 -3.89 -5.24 -11.95
C ARG C 32 -3.21 -4.91 -13.28
N THR C 33 -3.93 -4.13 -14.08
CA THR C 33 -3.47 -3.70 -15.38
C THR C 33 -2.24 -2.81 -15.25
N SER C 34 -1.05 -3.40 -15.34
CA SER C 34 0.17 -2.64 -15.23
C SER C 34 0.11 -1.57 -16.32
N TYR C 35 0.74 -0.42 -16.09
CA TYR C 35 0.71 0.64 -17.08
C TYR C 35 2.02 0.64 -17.87
N THR C 36 1.92 0.88 -19.18
CA THR C 36 3.11 0.91 -20.03
C THR C 36 4.04 2.02 -19.59
N ARG C 37 5.30 1.92 -19.98
CA ARG C 37 6.29 2.93 -19.62
C ARG C 37 5.91 4.28 -20.20
N TYR C 38 5.28 4.26 -21.37
CA TYR C 38 4.87 5.51 -22.00
C TYR C 38 3.82 6.19 -21.15
N GLN C 39 2.75 5.46 -20.85
CA GLN C 39 1.64 5.99 -20.04
C GLN C 39 2.17 6.62 -18.74
N THR C 40 2.91 5.85 -17.96
CA THR C 40 3.45 6.33 -16.71
C THR C 40 4.34 7.57 -16.93
N LEU C 41 5.12 7.58 -18.01
CA LEU C 41 6.00 8.71 -18.29
C LEU C 41 5.24 10.01 -18.51
N GLU C 42 4.06 9.91 -19.12
CA GLU C 42 3.22 11.07 -19.40
C GLU C 42 2.50 11.55 -18.15
N LEU C 43 1.75 10.65 -17.51
CA LEU C 43 1.03 10.99 -16.29
C LEU C 43 1.98 11.72 -15.36
N GLU C 44 3.19 11.19 -15.26
CA GLU C 44 4.22 11.78 -14.45
C GLU C 44 4.49 13.16 -14.99
N LYS C 45 4.73 13.20 -16.30
CA LYS C 45 5.00 14.44 -17.02
C LYS C 45 3.92 15.48 -16.75
N GLU C 46 2.67 15.02 -16.75
CA GLU C 46 1.53 15.88 -16.54
C GLU C 46 1.41 16.31 -15.08
N PHE C 47 2.00 15.51 -14.20
CA PHE C 47 1.96 15.76 -12.76
C PHE C 47 2.90 16.89 -12.31
N HIS C 48 4.13 16.87 -12.84
CA HIS C 48 5.13 17.90 -12.53
C HIS C 48 4.60 19.26 -12.98
N PHE C 49 3.73 19.20 -13.99
CA PHE C 49 3.11 20.39 -14.56
C PHE C 49 1.98 20.89 -13.66
N ASN C 50 1.03 20.01 -13.35
CA ASN C 50 -0.10 20.38 -12.52
C ASN C 50 -0.55 19.23 -11.61
N ARG C 51 -0.26 19.38 -10.31
CA ARG C 51 -0.57 18.41 -9.25
C ARG C 51 -2.04 17.97 -9.19
N TYR C 52 -2.95 18.88 -9.48
CA TYR C 52 -4.35 18.50 -9.47
C TYR C 52 -4.86 18.52 -10.90
N LEU C 53 -6.05 18.00 -11.11
CA LEU C 53 -6.62 17.93 -12.46
C LEU C 53 -7.96 18.59 -12.60
N THR C 54 -8.20 19.14 -13.78
CA THR C 54 -9.46 19.78 -14.11
C THR C 54 -10.24 18.75 -14.94
N ARG C 55 -11.57 18.85 -14.95
CA ARG C 55 -12.36 17.91 -15.71
C ARG C 55 -11.83 17.89 -17.13
N ARG C 56 -11.40 19.04 -17.60
CA ARG C 56 -10.84 19.19 -18.94
C ARG C 56 -9.65 18.25 -19.09
N ARG C 57 -8.52 18.64 -18.51
CA ARG C 57 -7.28 17.87 -18.56
C ARG C 57 -7.58 16.38 -18.31
N ARG C 58 -8.53 16.12 -17.41
CA ARG C 58 -8.95 14.77 -17.06
C ARG C 58 -9.34 13.95 -18.28
N ILE C 59 -10.16 14.52 -19.14
CA ILE C 59 -10.61 13.82 -20.32
C ILE C 59 -9.54 13.71 -21.39
N GLU C 60 -8.93 14.83 -21.72
CA GLU C 60 -7.90 14.85 -22.75
C GLU C 60 -6.81 13.83 -22.49
N ILE C 61 -6.47 13.61 -21.21
CA ILE C 61 -5.43 12.65 -20.90
C ILE C 61 -5.98 11.24 -21.02
N ALA C 62 -7.07 10.97 -20.31
CA ALA C 62 -7.69 9.65 -20.36
C ALA C 62 -7.79 9.24 -21.82
N HIS C 63 -7.88 10.25 -22.67
CA HIS C 63 -7.99 10.10 -24.12
C HIS C 63 -6.62 9.69 -24.68
N ALA C 64 -5.69 10.64 -24.65
CA ALA C 64 -4.34 10.45 -25.14
C ALA C 64 -3.70 9.12 -24.80
N LEU C 65 -3.74 8.74 -23.52
CA LEU C 65 -3.13 7.50 -23.03
C LEU C 65 -4.01 6.27 -23.02
N SER C 66 -5.21 6.37 -23.59
CA SER C 66 -6.12 5.24 -23.68
C SER C 66 -6.45 4.63 -22.33
N LEU C 67 -7.05 5.41 -21.46
CA LEU C 67 -7.42 4.98 -20.13
C LEU C 67 -8.73 5.66 -19.70
N THR C 68 -9.45 5.04 -18.77
CA THR C 68 -10.70 5.63 -18.31
C THR C 68 -10.38 6.84 -17.47
N GLU C 69 -11.38 7.68 -17.23
CA GLU C 69 -11.16 8.86 -16.43
C GLU C 69 -10.87 8.44 -15.00
N ARG C 70 -11.60 7.45 -14.50
CA ARG C 70 -11.40 6.98 -13.13
C ARG C 70 -9.94 6.61 -12.89
N GLN C 71 -9.32 6.01 -13.89
CA GLN C 71 -7.92 5.61 -13.79
C GLN C 71 -6.98 6.80 -13.71
N ILE C 72 -7.26 7.86 -14.45
CA ILE C 72 -6.41 9.03 -14.40
C ILE C 72 -6.62 9.69 -13.03
N LYS C 73 -7.87 9.70 -12.58
CA LYS C 73 -8.23 10.30 -11.30
C LYS C 73 -7.54 9.55 -10.15
N ILE C 74 -7.56 8.22 -10.23
CA ILE C 74 -6.96 7.40 -9.21
C ILE C 74 -5.46 7.49 -9.28
N TRP C 75 -4.93 7.58 -10.49
CA TRP C 75 -3.50 7.66 -10.69
C TRP C 75 -2.93 8.89 -10.02
N PHE C 76 -3.63 10.01 -10.15
CA PHE C 76 -3.17 11.25 -9.54
C PHE C 76 -3.42 11.24 -8.03
N GLN C 77 -4.48 10.56 -7.62
CA GLN C 77 -4.73 10.51 -6.19
C GLN C 77 -3.58 9.74 -5.57
N ASN C 78 -3.26 8.58 -6.11
CA ASN C 78 -2.15 7.83 -5.56
C ASN C 78 -0.82 8.58 -5.69
N ARG C 79 -0.59 9.26 -6.80
CA ARG C 79 0.66 9.98 -6.99
C ARG C 79 0.80 11.08 -5.94
N ARG C 80 -0.32 11.65 -5.52
CA ARG C 80 -0.25 12.71 -4.53
C ARG C 80 0.19 12.12 -3.19
N MET C 81 -0.36 10.96 -2.82
CA MET C 81 0.01 10.32 -1.57
C MET C 81 1.47 9.89 -1.64
N LYS C 82 1.95 9.53 -2.83
CA LYS C 82 3.32 9.12 -2.95
C LYS C 82 4.21 10.34 -2.83
N TRP C 83 3.70 11.47 -3.29
CA TRP C 83 4.44 12.70 -3.20
C TRP C 83 4.53 13.09 -1.72
N LYS C 84 3.39 13.00 -1.04
CA LYS C 84 3.30 13.33 0.37
C LYS C 84 4.33 12.57 1.20
N LYS C 85 4.48 11.28 0.92
CA LYS C 85 5.38 10.44 1.68
C LYS C 85 6.87 10.51 1.33
N GLU C 86 7.20 11.05 0.17
CA GLU C 86 8.61 11.19 -0.19
C GLU C 86 8.96 12.58 0.33
N HIS C 87 7.92 13.28 0.78
CA HIS C 87 8.04 14.62 1.32
C HIS C 87 8.51 15.60 0.27
N LYS C 88 9.31 15.11 -0.68
CA LYS C 88 9.88 15.89 -1.76
C LYS C 88 8.97 15.77 -2.95
N ARG D 5 19.46 -3.19 -0.47
CA ARG D 5 18.52 -3.53 0.64
C ARG D 5 18.65 -5.01 1.00
N ARG D 6 18.80 -5.28 2.29
CA ARG D 6 18.92 -6.65 2.78
C ARG D 6 17.67 -6.92 3.63
N ASN D 7 17.34 -8.19 3.87
CA ASN D 7 16.15 -8.48 4.65
C ASN D 7 16.31 -8.07 6.09
N PHE D 8 15.24 -8.21 6.86
CA PHE D 8 15.27 -7.82 8.26
C PHE D 8 16.02 -8.81 9.13
N SER D 9 16.45 -8.35 10.30
CA SER D 9 17.19 -9.18 11.23
C SER D 9 16.28 -10.21 11.88
N LYS D 10 16.84 -11.39 12.11
CA LYS D 10 16.10 -12.47 12.73
C LYS D 10 15.31 -11.97 13.92
N GLN D 11 15.85 -10.98 14.64
CA GLN D 11 15.16 -10.45 15.79
C GLN D 11 14.02 -9.51 15.45
N ALA D 12 14.21 -8.64 14.46
CA ALA D 12 13.15 -7.71 14.07
C ALA D 12 11.90 -8.49 13.69
N SER D 13 12.08 -9.53 12.89
CA SER D 13 10.97 -10.37 12.48
C SER D 13 10.26 -10.91 13.72
N GLU D 14 11.03 -11.52 14.62
CA GLU D 14 10.48 -12.07 15.85
C GLU D 14 9.61 -11.04 16.53
N ILE D 15 10.14 -9.84 16.65
CA ILE D 15 9.41 -8.75 17.29
C ILE D 15 8.07 -8.51 16.61
N LEU D 16 8.10 -8.40 15.28
CA LEU D 16 6.88 -8.16 14.50
C LEU D 16 5.90 -9.33 14.60
N ASN D 17 6.38 -10.56 14.49
CA ASN D 17 5.48 -11.70 14.58
C ASN D 17 4.85 -11.74 15.94
N GLU D 18 5.65 -11.43 16.95
CA GLU D 18 5.11 -11.44 18.29
C GLU D 18 3.93 -10.48 18.30
N TYR D 19 4.12 -9.25 17.83
CA TYR D 19 3.00 -8.34 17.85
C TYR D 19 1.83 -8.90 17.06
N PHE D 20 2.09 -9.27 15.82
CA PHE D 20 1.05 -9.81 14.94
C PHE D 20 0.22 -10.90 15.57
N TYR D 21 0.86 -12.03 15.86
CA TYR D 21 0.14 -13.15 16.44
C TYR D 21 -0.52 -12.77 17.77
N SER D 22 0.11 -11.84 18.50
CA SER D 22 -0.43 -11.38 19.77
C SER D 22 -1.73 -10.63 19.57
N HIS D 23 -1.98 -10.17 18.34
CA HIS D 23 -3.20 -9.43 18.04
C HIS D 23 -4.02 -9.95 16.87
N LEU D 24 -3.97 -11.25 16.61
CA LEU D 24 -4.72 -11.81 15.49
C LEU D 24 -6.17 -11.32 15.37
N SER D 25 -6.70 -10.72 16.43
CA SER D 25 -8.08 -10.23 16.40
C SER D 25 -8.24 -8.92 15.63
N ASN D 26 -7.13 -8.25 15.36
CA ASN D 26 -7.15 -6.97 14.67
C ASN D 26 -5.71 -6.53 14.47
N PRO D 27 -4.98 -7.18 13.57
CA PRO D 27 -3.57 -6.89 13.28
C PRO D 27 -3.32 -5.52 12.67
N TYR D 28 -4.13 -4.55 13.03
CA TYR D 28 -3.95 -3.21 12.49
C TYR D 28 -3.41 -2.24 13.51
N PRO D 29 -2.09 -2.24 13.71
CA PRO D 29 -1.49 -1.32 14.68
C PRO D 29 -1.68 0.16 14.32
N SER D 30 -1.80 1.00 15.33
CA SER D 30 -1.97 2.45 15.16
C SER D 30 -0.61 3.06 14.80
N GLU D 31 -0.62 4.23 14.17
CA GLU D 31 0.62 4.90 13.75
C GLU D 31 1.60 4.99 14.91
N GLU D 32 1.09 4.95 16.13
CA GLU D 32 1.93 5.04 17.31
C GLU D 32 2.64 3.71 17.53
N ALA D 33 1.85 2.64 17.63
CA ALA D 33 2.39 1.31 17.84
C ALA D 33 3.35 0.99 16.71
N LYS D 34 3.02 1.55 15.54
CA LYS D 34 3.81 1.34 14.36
C LYS D 34 5.15 2.05 14.52
N GLU D 35 5.08 3.27 15.05
CA GLU D 35 6.29 4.06 15.28
C GLU D 35 7.11 3.35 16.34
N GLU D 36 6.39 2.80 17.31
CA GLU D 36 6.96 2.05 18.42
C GLU D 36 7.74 0.84 17.87
N LEU D 37 7.04 -0.02 17.14
CA LEU D 37 7.66 -1.20 16.55
C LEU D 37 8.81 -0.80 15.65
N ALA D 38 8.57 0.25 14.87
CA ALA D 38 9.56 0.77 13.94
C ALA D 38 10.90 1.00 14.61
N ARG D 39 10.87 1.71 15.74
CA ARG D 39 12.11 1.98 16.44
C ARG D 39 12.66 0.71 17.10
N LYS D 40 11.77 -0.13 17.62
CA LYS D 40 12.22 -1.36 18.25
C LYS D 40 13.00 -2.21 17.27
N CYS D 41 12.45 -2.33 16.06
CA CYS D 41 13.08 -3.14 15.03
C CYS D 41 14.16 -2.41 14.25
N GLY D 42 14.26 -1.10 14.46
CA GLY D 42 15.28 -0.35 13.76
C GLY D 42 15.00 -0.34 12.27
N ILE D 43 13.75 -0.05 11.93
CA ILE D 43 13.30 -0.01 10.54
C ILE D 43 12.27 1.12 10.43
N THR D 44 12.08 1.65 9.23
CA THR D 44 11.12 2.74 9.05
C THR D 44 9.67 2.33 9.36
N VAL D 45 8.80 3.32 9.55
CA VAL D 45 7.40 3.06 9.83
C VAL D 45 6.77 2.52 8.55
N SER D 46 7.32 2.93 7.41
CA SER D 46 6.84 2.46 6.14
C SER D 46 7.09 0.95 6.12
N GLN D 47 8.34 0.58 6.39
CA GLN D 47 8.75 -0.82 6.42
C GLN D 47 7.87 -1.67 7.31
N VAL D 48 7.47 -1.11 8.46
CA VAL D 48 6.60 -1.85 9.37
C VAL D 48 5.26 -1.96 8.66
N SER D 49 4.77 -0.81 8.20
CA SER D 49 3.50 -0.77 7.52
C SER D 49 3.46 -1.77 6.36
N ASN D 50 4.53 -1.86 5.58
CA ASN D 50 4.55 -2.81 4.47
C ASN D 50 4.51 -4.22 5.03
N TRP D 51 5.36 -4.47 6.00
CA TRP D 51 5.42 -5.76 6.61
C TRP D 51 4.02 -6.22 7.05
N PHE D 52 3.25 -5.37 7.70
CA PHE D 52 1.93 -5.78 8.15
C PHE D 52 0.94 -6.02 7.03
N GLY D 53 1.06 -5.23 5.96
CA GLY D 53 0.17 -5.40 4.82
C GLY D 53 0.44 -6.77 4.25
N ASN D 54 1.69 -7.04 3.90
CA ASN D 54 2.09 -8.33 3.38
C ASN D 54 1.78 -9.46 4.36
N LYS D 55 1.90 -9.20 5.66
CA LYS D 55 1.68 -10.27 6.59
C LYS D 55 0.21 -10.65 6.58
N ARG D 56 -0.66 -9.66 6.64
CA ARG D 56 -2.11 -9.94 6.65
C ARG D 56 -2.59 -10.75 5.44
N ILE D 57 -2.23 -10.28 4.25
CA ILE D 57 -2.63 -10.95 3.04
C ILE D 57 -2.09 -12.35 2.95
N ARG D 58 -0.80 -12.50 3.20
CA ARG D 58 -0.21 -13.80 3.11
C ARG D 58 -0.74 -14.71 4.21
N TYR D 59 -1.28 -14.13 5.27
CA TYR D 59 -1.85 -14.98 6.31
C TYR D 59 -3.17 -15.51 5.71
N LYS D 60 -4.01 -14.59 5.25
CA LYS D 60 -5.30 -14.93 4.66
C LYS D 60 -5.25 -15.95 3.52
N LYS D 61 -4.41 -15.69 2.53
CA LYS D 61 -4.33 -16.62 1.41
C LYS D 61 -3.85 -18.01 1.81
N ASN D 62 -3.60 -18.20 3.10
CA ASN D 62 -3.12 -19.50 3.57
C ASN D 62 -3.95 -20.08 4.73
N ILE D 63 -5.18 -19.59 4.89
CA ILE D 63 -6.05 -20.10 5.95
C ILE D 63 -6.57 -21.48 5.52
#